data_6FYV
#
_entry.id   6FYV
#
_cell.length_a   66.335
_cell.length_b   66.335
_cell.length_c   190.684
_cell.angle_alpha   90.000
_cell.angle_beta   90.000
_cell.angle_gamma   90.000
#
_symmetry.space_group_name_H-M   'P 43 21 2'
#
loop_
_entity.id
_entity.type
_entity.pdbx_description
1 polymer 'Dual specificity protein kinase CLK4'
2 non-polymer '5-[(3-chlorophenyl)amino]benzo[c][2,6]naphthyridine-8-carboxylic acid'
3 non-polymer 'SULFATE ION'
4 water water
#
_entity_poly.entity_id   1
_entity_poly.type   'polypeptide(L)'
_entity_poly.pdbx_seq_one_letter_code
;GPHLICQSGDVLRARYEIVDTLGEGAFGKVVECIDHGMDGMHVAVKIVKNVGRYREAARSEIQVLEHLNSTDPNSVFRCV
QMLEWFDHHGHVCIVFELLGLSTYDFIKENSFLPFQIDHIRQMAYQICQSINFLHHNKLTHTDLKPENILFVKSDYVVKY
NSKMKRDERTLKNTDIKVVDFGSATYDDEHHSTLVSTRHYRAPEVILALGWSQPCDVWSIGCILIEYYLGFTVFQTHDSK
EHLAMMERILGPIPQHMIQKTRKRKYFHHNQLDWDEHSSAGRYVRRRCKPLKEFMLCHDEEHEKLFDLVRRMLEYDPTQR
ITLDEALQHPFFDLLKK
;
_entity_poly.pdbx_strand_id   A
#
# COMPACT_ATOMS: atom_id res chain seq x y z
N ILE A 5 -26.52 -15.29 -5.44
CA ILE A 5 -25.25 -14.95 -4.76
C ILE A 5 -24.75 -13.54 -5.10
N CYS A 6 -24.45 -13.30 -6.37
CA CYS A 6 -23.95 -12.00 -6.86
C CYS A 6 -24.23 -11.83 -8.35
N GLN A 7 -25.14 -10.90 -8.68
CA GLN A 7 -25.57 -10.67 -10.06
C GLN A 7 -25.76 -9.19 -10.35
N SER A 8 -25.60 -8.79 -11.61
CA SER A 8 -25.95 -7.44 -12.04
C SER A 8 -27.46 -7.31 -12.08
N GLY A 9 -28.02 -6.52 -11.16
CA GLY A 9 -29.46 -6.43 -10.98
C GLY A 9 -29.89 -7.00 -9.64
N ASP A 10 -29.05 -7.86 -9.07
CA ASP A 10 -29.27 -8.40 -7.72
C ASP A 10 -29.29 -7.29 -6.67
N VAL A 11 -30.12 -7.49 -5.65
CA VAL A 11 -30.37 -6.47 -4.64
C VAL A 11 -30.00 -6.98 -3.24
N LEU A 12 -29.22 -6.18 -2.51
CA LEU A 12 -28.79 -6.54 -1.17
C LEU A 12 -29.50 -5.69 -0.12
N ARG A 13 -29.83 -6.31 1.01
CA ARG A 13 -30.64 -5.73 2.10
C ARG A 13 -31.79 -4.83 1.61
N ALA A 14 -32.52 -5.31 0.60
CA ALA A 14 -33.67 -4.61 0.02
C ALA A 14 -33.39 -3.16 -0.39
N ARG A 15 -32.19 -2.92 -0.92
CA ARG A 15 -31.66 -1.57 -0.99
C ARG A 15 -30.60 -1.33 -2.07
N TYR A 16 -29.57 -2.16 -2.06
CA TYR A 16 -28.40 -1.96 -2.91
C TYR A 16 -28.44 -2.83 -4.16
N GLU A 17 -28.58 -2.19 -5.32
CA GLU A 17 -28.68 -2.90 -6.60
C GLU A 17 -27.32 -2.94 -7.29
N ILE A 18 -26.74 -4.14 -7.40
CA ILE A 18 -25.45 -4.33 -8.09
C ILE A 18 -25.56 -3.97 -9.56
N VAL A 19 -24.69 -3.08 -10.02
CA VAL A 19 -24.71 -2.62 -11.41
C VAL A 19 -23.36 -2.67 -12.12
N ASP A 20 -22.32 -3.13 -11.41
CA ASP A 20 -20.96 -3.18 -11.96
C ASP A 20 -19.98 -3.81 -10.98
N THR A 21 -19.19 -4.77 -11.46
CA THR A 21 -18.04 -5.26 -10.69
C THR A 21 -16.90 -4.25 -10.78
N LEU A 22 -16.35 -3.88 -9.62
CA LEU A 22 -15.22 -2.94 -9.55
C LEU A 22 -13.89 -3.66 -9.38
N GLY A 23 -13.95 -4.95 -9.04
CA GLY A 23 -12.74 -5.74 -8.85
C GLY A 23 -12.96 -7.02 -8.07
N GLU A 24 -11.98 -7.93 -8.17
CA GLU A 24 -12.05 -9.24 -7.53
C GLU A 24 -10.75 -9.59 -6.82
N GLY A 25 -10.81 -10.61 -5.97
CA GLY A 25 -9.65 -11.10 -5.22
C GLY A 25 -9.91 -12.46 -4.61
N ALA A 26 -9.02 -12.88 -3.72
CA ALA A 26 -9.14 -14.17 -3.04
C ALA A 26 -10.28 -14.17 -2.01
N PHE A 27 -10.58 -12.98 -1.48
CA PHE A 27 -11.65 -12.78 -0.49
C PHE A 27 -13.05 -12.88 -1.10
N GLY A 28 -13.20 -12.40 -2.33
CA GLY A 28 -14.50 -12.22 -2.96
C GLY A 28 -14.44 -11.05 -3.95
N LYS A 29 -15.46 -10.20 -3.92
CA LYS A 29 -15.58 -9.12 -4.91
C LYS A 29 -15.96 -7.77 -4.27
N VAL A 30 -15.62 -6.69 -4.97
CA VAL A 30 -16.10 -5.35 -4.64
C VAL A 30 -16.91 -4.84 -5.82
N VAL A 31 -18.18 -4.54 -5.56
CA VAL A 31 -19.12 -4.15 -6.61
C VAL A 31 -19.63 -2.74 -6.41
N GLU A 32 -19.99 -2.07 -7.50
CA GLU A 32 -20.70 -0.80 -7.43
C GLU A 32 -22.22 -1.05 -7.38
N CYS A 33 -22.90 -0.40 -6.43
CA CYS A 33 -24.34 -0.55 -6.27
C CYS A 33 -25.05 0.79 -6.30
N ILE A 34 -26.30 0.78 -6.77
CA ILE A 34 -27.20 1.90 -6.57
C ILE A 34 -27.87 1.70 -5.21
N ASP A 35 -27.79 2.71 -4.36
CA ASP A 35 -28.51 2.69 -3.08
C ASP A 35 -29.87 3.34 -3.25
N HIS A 36 -30.90 2.52 -3.40
CA HIS A 36 -32.27 3.00 -3.59
C HIS A 36 -32.84 3.66 -2.33
N GLY A 37 -32.32 3.26 -1.17
CA GLY A 37 -32.70 3.84 0.11
C GLY A 37 -32.14 5.23 0.35
N MET A 38 -31.17 5.65 -0.46
CA MET A 38 -30.62 7.00 -0.41
C MET A 38 -30.77 7.68 -1.75
N ASP A 39 -32.01 7.63 -2.27
CA ASP A 39 -32.39 8.14 -3.59
C ASP A 39 -31.31 8.09 -4.68
N GLY A 40 -30.74 6.90 -4.88
CA GLY A 40 -29.94 6.62 -6.06
C GLY A 40 -28.43 6.65 -5.95
N MET A 41 -27.89 7.36 -4.96
CA MET A 41 -26.43 7.54 -4.85
C MET A 41 -25.68 6.22 -4.91
N HIS A 42 -24.50 6.24 -5.53
CA HIS A 42 -23.73 5.03 -5.73
C HIS A 42 -22.84 4.73 -4.54
N VAL A 43 -22.60 3.45 -4.29
CA VAL A 43 -21.70 3.01 -3.22
C VAL A 43 -20.88 1.83 -3.73
N ALA A 44 -19.84 1.48 -3.00
CA ALA A 44 -19.07 0.27 -3.27
C ALA A 44 -19.34 -0.75 -2.17
N VAL A 45 -19.53 -2.01 -2.56
CA VAL A 45 -19.85 -3.05 -1.59
C VAL A 45 -18.88 -4.23 -1.70
N LYS A 46 -18.15 -4.47 -0.63
CA LYS A 46 -17.25 -5.60 -0.54
C LYS A 46 -18.03 -6.84 -0.10
N ILE A 47 -18.21 -7.78 -1.03
CA ILE A 47 -18.87 -9.05 -0.75
C ILE A 47 -17.82 -10.12 -0.49
N VAL A 48 -17.86 -10.71 0.70
CA VAL A 48 -16.84 -11.68 1.14
C VAL A 48 -17.35 -13.13 1.00
N LYS A 49 -16.66 -13.92 0.16
CA LYS A 49 -17.04 -15.31 -0.11
C LYS A 49 -17.07 -16.18 1.15
N ASN A 50 -17.92 -17.21 1.13
CA ASN A 50 -18.24 -17.98 2.34
C ASN A 50 -17.18 -19.01 2.77
N VAL A 51 -15.92 -18.61 2.75
CA VAL A 51 -14.85 -19.41 3.34
C VAL A 51 -14.64 -18.96 4.79
N GLY A 52 -14.70 -19.90 5.72
CA GLY A 52 -14.60 -19.63 7.16
C GLY A 52 -13.40 -18.80 7.58
N ARG A 53 -12.33 -18.90 6.80
CA ARG A 53 -11.13 -18.08 6.99
C ARG A 53 -11.43 -16.60 6.74
N TYR A 54 -12.05 -16.31 5.59
CA TYR A 54 -12.37 -14.93 5.20
C TYR A 54 -13.50 -14.32 6.02
N ARG A 55 -14.41 -15.16 6.52
CA ARG A 55 -15.53 -14.70 7.32
C ARG A 55 -15.10 -14.16 8.69
N GLU A 56 -14.18 -14.87 9.34
CA GLU A 56 -13.67 -14.47 10.65
C GLU A 56 -12.72 -13.26 10.53
N ALA A 57 -12.05 -13.14 9.38
CA ALA A 57 -11.15 -12.02 9.11
C ALA A 57 -11.92 -10.73 8.85
N ALA A 58 -13.06 -10.85 8.15
CA ALA A 58 -13.92 -9.72 7.85
C ALA A 58 -14.49 -9.10 9.12
N ARG A 59 -14.81 -9.95 10.10
CA ARG A 59 -15.35 -9.50 11.38
C ARG A 59 -14.30 -8.76 12.22
N SER A 60 -13.03 -8.99 11.90
CA SER A 60 -11.92 -8.24 12.49
C SER A 60 -11.71 -6.93 11.72
N GLU A 61 -11.83 -7.00 10.39
CA GLU A 61 -11.78 -5.82 9.53
C GLU A 61 -12.89 -4.83 9.90
N ILE A 62 -14.11 -5.36 10.05
CA ILE A 62 -15.27 -4.59 10.50
C ILE A 62 -14.98 -3.87 11.80
N GLN A 63 -14.34 -4.57 12.74
CA GLN A 63 -14.00 -3.99 14.03
C GLN A 63 -13.02 -2.83 13.92
N VAL A 64 -12.02 -2.97 13.04
CA VAL A 64 -11.07 -1.88 12.76
C VAL A 64 -11.76 -0.68 12.12
N LEU A 65 -12.59 -0.93 11.12
CA LEU A 65 -13.31 0.14 10.42
C LEU A 65 -14.26 0.90 11.35
N GLU A 66 -14.94 0.18 12.24
CA GLU A 66 -15.78 0.83 13.26
C GLU A 66 -14.92 1.69 14.18
N HIS A 67 -13.75 1.16 14.56
CA HIS A 67 -12.77 1.91 15.36
C HIS A 67 -12.35 3.21 14.67
N LEU A 68 -11.97 3.14 13.40
CA LEU A 68 -11.53 4.30 12.65
C LEU A 68 -12.64 5.31 12.42
N ASN A 69 -13.85 4.81 12.18
CA ASN A 69 -15.04 5.67 12.09
C ASN A 69 -15.35 6.35 13.42
N SER A 70 -15.23 5.61 14.52
CA SER A 70 -15.45 6.14 15.87
C SER A 70 -14.45 7.26 16.23
N THR A 71 -13.17 7.01 15.98
CA THR A 71 -12.10 7.94 16.34
C THR A 71 -11.99 9.09 15.34
N ASP A 72 -12.37 8.81 14.09
CA ASP A 72 -12.27 9.81 13.03
C ASP A 72 -13.48 9.64 12.09
N PRO A 73 -14.67 10.12 12.54
CA PRO A 73 -15.90 9.92 11.76
C PRO A 73 -15.91 10.76 10.48
N ASN A 74 -15.13 11.83 10.46
CA ASN A 74 -15.14 12.75 9.33
C ASN A 74 -13.95 12.54 8.38
N SER A 75 -13.23 11.44 8.60
CA SER A 75 -12.15 11.03 7.71
C SER A 75 -11.12 12.15 7.50
N VAL A 76 -10.74 12.79 8.61
CA VAL A 76 -9.69 13.80 8.63
C VAL A 76 -8.39 13.16 8.12
N PHE A 77 -8.16 11.91 8.53
CA PHE A 77 -6.95 11.20 8.19
C PHE A 77 -7.14 10.17 7.09
N ARG A 78 -8.13 10.38 6.23
CA ARG A 78 -8.24 9.73 4.91
C ARG A 78 -8.30 8.18 4.88
N CYS A 79 -8.81 7.57 5.94
CA CYS A 79 -9.18 6.16 5.86
C CYS A 79 -10.56 6.04 5.21
N VAL A 80 -10.79 4.96 4.48
CA VAL A 80 -12.08 4.77 3.79
C VAL A 80 -13.24 4.70 4.80
N GLN A 81 -14.37 5.28 4.43
CA GLN A 81 -15.54 5.36 5.30
C GLN A 81 -16.47 4.16 5.05
N MET A 82 -16.55 3.27 6.03
CA MET A 82 -17.56 2.20 5.97
C MET A 82 -18.92 2.77 6.38
N LEU A 83 -19.93 2.45 5.59
CA LEU A 83 -21.28 2.99 5.77
C LEU A 83 -22.19 2.05 6.55
N GLU A 84 -22.05 0.75 6.28
CA GLU A 84 -22.69 -0.31 7.06
C GLU A 84 -22.12 -1.68 6.65
N TRP A 85 -22.50 -2.70 7.41
CA TRP A 85 -22.20 -4.07 7.05
C TRP A 85 -23.41 -4.93 7.40
N PHE A 86 -23.54 -6.06 6.73
CA PHE A 86 -24.63 -7.00 6.97
C PHE A 86 -24.31 -8.37 6.40
N ASP A 87 -25.04 -9.37 6.87
CA ASP A 87 -24.90 -10.72 6.36
C ASP A 87 -25.91 -10.95 5.24
N HIS A 88 -25.44 -11.50 4.13
CA HIS A 88 -26.30 -11.83 2.99
C HIS A 88 -26.11 -13.31 2.63
N HIS A 89 -26.82 -14.18 3.35
CA HIS A 89 -26.79 -15.64 3.17
C HIS A 89 -25.37 -16.22 3.17
N GLY A 90 -24.67 -16.03 4.28
CA GLY A 90 -23.31 -16.56 4.45
C GLY A 90 -22.19 -15.66 3.93
N HIS A 91 -22.54 -14.69 3.11
CA HIS A 91 -21.57 -13.73 2.61
C HIS A 91 -21.63 -12.42 3.41
N VAL A 92 -20.51 -12.06 4.02
CA VAL A 92 -20.40 -10.79 4.74
C VAL A 92 -20.24 -9.65 3.75
N CYS A 93 -21.16 -8.68 3.82
CA CYS A 93 -21.17 -7.52 2.94
C CYS A 93 -20.78 -6.27 3.70
N ILE A 94 -19.79 -5.56 3.19
CA ILE A 94 -19.37 -4.29 3.76
C ILE A 94 -19.59 -3.18 2.74
N VAL A 95 -20.36 -2.16 3.13
CA VAL A 95 -20.69 -1.03 2.27
C VAL A 95 -19.74 0.14 2.55
N PHE A 96 -19.13 0.66 1.48
CA PHE A 96 -18.18 1.76 1.55
C PHE A 96 -18.63 2.95 0.69
N GLU A 97 -18.12 4.13 1.00
CA GLU A 97 -18.17 5.27 0.09
C GLU A 97 -17.59 4.84 -1.26
N LEU A 98 -18.12 5.40 -2.35
CA LEU A 98 -17.59 5.12 -3.68
C LEU A 98 -16.38 6.01 -3.97
N LEU A 99 -15.28 5.37 -4.34
CA LEU A 99 -14.03 6.06 -4.59
C LEU A 99 -13.64 5.82 -6.04
N GLY A 100 -12.57 6.48 -6.48
CA GLY A 100 -12.06 6.33 -7.84
C GLY A 100 -11.12 5.15 -7.98
N LEU A 101 -10.31 5.20 -9.04
CA LEU A 101 -9.29 4.19 -9.33
C LEU A 101 -8.20 4.17 -8.27
N SER A 102 -7.59 3.00 -8.08
CA SER A 102 -6.41 2.88 -7.22
C SER A 102 -5.24 3.59 -7.89
N THR A 103 -4.28 4.07 -7.09
CA THR A 103 -3.11 4.74 -7.66
C THR A 103 -2.35 3.80 -8.59
N TYR A 104 -2.39 2.51 -8.28
CA TYR A 104 -1.84 1.48 -9.17
C TYR A 104 -2.55 1.47 -10.52
N ASP A 105 -3.88 1.39 -10.49
CA ASP A 105 -4.67 1.29 -11.72
C ASP A 105 -4.57 2.54 -12.59
N PHE A 106 -4.42 3.70 -11.96
CA PHE A 106 -4.25 4.94 -12.71
C PHE A 106 -2.97 4.92 -13.53
N ILE A 107 -1.86 4.59 -12.88
CA ILE A 107 -0.58 4.37 -13.56
C ILE A 107 -0.75 3.36 -14.70
N LYS A 108 -1.33 2.20 -14.38
CA LYS A 108 -1.57 1.12 -15.34
C LYS A 108 -2.32 1.59 -16.59
N GLU A 109 -3.32 2.44 -16.41
CA GLU A 109 -4.13 2.95 -17.52
C GLU A 109 -3.50 4.16 -18.22
N ASN A 110 -2.45 4.70 -17.61
CA ASN A 110 -1.73 5.86 -18.16
C ASN A 110 -0.37 5.41 -18.72
N SER A 111 -0.37 4.30 -19.44
CA SER A 111 0.83 3.74 -20.10
C SER A 111 2.01 3.49 -19.16
N PHE A 112 1.70 3.19 -17.90
CA PHE A 112 2.71 3.00 -16.85
C PHE A 112 3.63 4.20 -16.64
N LEU A 113 3.08 5.39 -16.87
CA LEU A 113 3.83 6.62 -16.65
C LEU A 113 3.85 7.01 -15.17
N PRO A 114 5.02 7.42 -14.67
CA PRO A 114 5.18 7.85 -13.28
C PRO A 114 4.44 9.14 -12.97
N PHE A 115 4.14 9.36 -11.69
CA PHE A 115 3.57 10.62 -11.23
C PHE A 115 4.67 11.69 -11.15
N GLN A 116 4.29 12.93 -11.44
CA GLN A 116 5.20 14.05 -11.34
C GLN A 116 5.51 14.33 -9.87
N ILE A 117 6.76 14.71 -9.60
CA ILE A 117 7.26 14.92 -8.23
C ILE A 117 6.30 15.71 -7.32
N ASP A 118 5.57 16.66 -7.90
CA ASP A 118 4.64 17.50 -7.12
C ASP A 118 3.39 16.74 -6.70
N HIS A 119 2.88 15.88 -7.58
CA HIS A 119 1.79 14.98 -7.21
C HIS A 119 2.22 13.98 -6.15
N ILE A 120 3.45 13.47 -6.28
CA ILE A 120 4.04 12.56 -5.31
C ILE A 120 4.12 13.23 -3.94
N ARG A 121 4.55 14.49 -3.90
CA ARG A 121 4.69 15.22 -2.63
C ARG A 121 3.36 15.32 -1.88
N GLN A 122 2.29 15.63 -2.61
CA GLN A 122 0.94 15.74 -2.04
C GLN A 122 0.43 14.38 -1.55
N MET A 123 0.53 13.38 -2.41
CA MET A 123 0.06 12.03 -2.10
C MET A 123 0.83 11.44 -0.93
N ALA A 124 2.16 11.54 -1.00
CA ALA A 124 3.04 11.04 0.07
C ALA A 124 2.64 11.64 1.41
N TYR A 125 2.31 12.92 1.42
CA TYR A 125 1.94 13.61 2.64
C TYR A 125 0.64 13.06 3.21
N GLN A 126 -0.34 12.84 2.34
CA GLN A 126 -1.64 12.30 2.71
C GLN A 126 -1.50 10.87 3.22
N ILE A 127 -0.70 10.08 2.52
CA ILE A 127 -0.43 8.69 2.92
C ILE A 127 0.22 8.66 4.30
N CYS A 128 1.31 9.41 4.47
CA CYS A 128 2.00 9.48 5.75
C CYS A 128 1.06 9.92 6.87
N GLN A 129 0.24 10.94 6.60
CA GLN A 129 -0.73 11.42 7.59
C GLN A 129 -1.74 10.34 7.98
N SER A 130 -2.34 9.69 6.98
CA SER A 130 -3.30 8.63 7.20
C SER A 130 -2.74 7.50 8.06
N ILE A 131 -1.55 7.03 7.70
CA ILE A 131 -0.94 5.89 8.37
C ILE A 131 -0.39 6.28 9.74
N ASN A 132 0.05 7.54 9.87
CA ASN A 132 0.49 8.02 11.18
C ASN A 132 -0.64 8.03 12.20
N PHE A 133 -1.85 8.32 11.72
CA PHE A 133 -3.04 8.27 12.54
C PHE A 133 -3.27 6.86 13.06
N LEU A 134 -3.00 5.87 12.21
CA LEU A 134 -3.09 4.46 12.60
C LEU A 134 -2.05 4.12 13.65
N HIS A 135 -0.86 4.70 13.48
CA HIS A 135 0.27 4.41 14.34
C HIS A 135 0.13 5.06 15.70
N HIS A 136 -0.61 6.17 15.76
CA HIS A 136 -0.90 6.80 17.04
C HIS A 136 -2.11 6.18 17.74
N ASN A 137 -2.80 5.27 17.06
CA ASN A 137 -3.91 4.53 17.68
C ASN A 137 -3.58 3.07 17.82
N LYS A 138 -2.28 2.80 17.94
CA LYS A 138 -1.75 1.47 18.23
C LYS A 138 -2.09 0.42 17.16
N LEU A 139 -2.21 0.87 15.91
CA LEU A 139 -2.45 -0.03 14.78
C LEU A 139 -1.29 -0.06 13.78
N THR A 140 -1.16 -1.17 13.07
CA THR A 140 -0.27 -1.29 11.91
C THR A 140 -1.11 -1.84 10.77
N HIS A 141 -1.09 -1.18 9.61
CA HIS A 141 -1.87 -1.61 8.46
C HIS A 141 -1.40 -2.97 7.97
N THR A 142 -0.08 -3.06 7.76
CA THR A 142 0.66 -4.25 7.32
C THR A 142 0.56 -4.57 5.83
N ASP A 143 -0.36 -3.94 5.10
CA ASP A 143 -0.54 -4.31 3.70
C ASP A 143 -0.61 -3.12 2.74
N LEU A 144 0.23 -2.12 2.99
CA LEU A 144 0.21 -0.93 2.15
C LEU A 144 0.83 -1.23 0.80
N LYS A 145 0.11 -0.85 -0.25
CA LYS A 145 0.56 -1.00 -1.63
C LYS A 145 -0.23 -0.02 -2.50
N PRO A 146 0.27 0.26 -3.72
CA PRO A 146 -0.43 1.22 -4.59
C PRO A 146 -1.89 0.82 -4.86
N GLU A 147 -2.17 -0.48 -4.88
CA GLU A 147 -3.53 -1.00 -5.06
C GLU A 147 -4.47 -0.62 -3.90
N ASN A 148 -3.91 -0.36 -2.71
CA ASN A 148 -4.70 -0.02 -1.53
C ASN A 148 -4.79 1.48 -1.25
N ILE A 149 -4.20 2.28 -2.14
CA ILE A 149 -4.29 3.73 -2.08
C ILE A 149 -5.14 4.13 -3.28
N LEU A 150 -6.33 4.67 -3.00
CA LEU A 150 -7.30 4.98 -4.03
C LEU A 150 -7.56 6.49 -4.14
N PHE A 151 -7.78 6.97 -5.36
CA PHE A 151 -8.14 8.36 -5.54
C PHE A 151 -9.60 8.58 -5.15
N VAL A 152 -9.89 9.71 -4.53
CA VAL A 152 -11.27 10.09 -4.19
C VAL A 152 -12.06 10.24 -5.49
N LYS A 153 -11.53 11.02 -6.42
CA LYS A 153 -12.06 11.10 -7.77
C LYS A 153 -10.90 10.89 -8.74
N SER A 154 -11.14 10.03 -9.73
CA SER A 154 -10.11 9.71 -10.72
CA SER A 154 -10.12 9.72 -10.73
C SER A 154 -10.27 10.53 -12.01
N ASP A 155 -10.93 11.69 -11.88
CA ASP A 155 -11.14 12.62 -13.00
C ASP A 155 -9.81 13.13 -13.54
N TYR A 156 -9.60 12.95 -14.83
CA TYR A 156 -8.36 13.36 -15.48
C TYR A 156 -8.60 14.18 -16.75
N VAL A 157 -7.59 14.99 -17.10
CA VAL A 157 -7.57 15.71 -18.38
C VAL A 157 -6.58 14.97 -19.30
N VAL A 158 -7.03 14.71 -20.53
CA VAL A 158 -6.17 14.08 -21.54
C VAL A 158 -5.43 15.18 -22.33
N LYS A 159 -4.11 15.05 -22.43
CA LYS A 159 -3.29 16.03 -23.15
C LYS A 159 -2.29 15.35 -24.09
N TYR A 160 -2.47 15.57 -25.39
CA TYR A 160 -1.65 14.96 -26.44
C TYR A 160 -0.19 15.40 -26.35
N ASN A 161 0.72 14.42 -26.41
CA ASN A 161 2.16 14.69 -26.24
C ASN A 161 2.91 14.83 -27.55
N LYS A 165 4.77 8.64 -29.08
CA LYS A 165 4.22 9.48 -28.03
C LYS A 165 2.83 9.99 -28.40
N ARG A 166 1.84 9.64 -27.58
CA ARG A 166 0.45 10.06 -27.80
C ARG A 166 -0.24 10.58 -26.53
N ASP A 167 -1.40 10.00 -26.19
CA ASP A 167 -2.26 10.51 -25.11
C ASP A 167 -1.77 10.20 -23.70
N GLU A 168 -1.72 11.24 -22.87
CA GLU A 168 -1.23 11.13 -21.48
C GLU A 168 -2.16 11.86 -20.50
N ARG A 169 -2.29 11.31 -19.29
CA ARG A 169 -3.32 11.76 -18.35
C ARG A 169 -2.78 12.52 -17.14
N THR A 170 -3.58 13.48 -16.66
CA THR A 170 -3.24 14.26 -15.47
C THR A 170 -4.46 14.38 -14.56
N LEU A 171 -4.23 14.19 -13.25
CA LEU A 171 -5.29 14.30 -12.25
C LEU A 171 -5.75 15.74 -12.05
N LYS A 172 -7.06 15.93 -12.03
CA LYS A 172 -7.65 17.18 -11.57
C LYS A 172 -7.44 17.32 -10.06
N ASN A 173 -7.49 16.19 -9.36
CA ASN A 173 -7.33 16.15 -7.91
C ASN A 173 -6.60 14.90 -7.43
N THR A 174 -5.63 15.08 -6.54
CA THR A 174 -4.78 13.98 -6.08
C THR A 174 -5.15 13.44 -4.69
N ASP A 175 -6.19 13.99 -4.06
CA ASP A 175 -6.62 13.50 -2.75
C ASP A 175 -6.87 12.00 -2.78
N ILE A 176 -6.33 11.30 -1.78
CA ILE A 176 -6.44 9.85 -1.70
C ILE A 176 -7.17 9.33 -0.47
N LYS A 177 -7.56 8.06 -0.52
CA LYS A 177 -7.96 7.34 0.67
C LYS A 177 -7.21 6.00 0.76
N VAL A 178 -7.06 5.52 1.99
CA VAL A 178 -6.42 4.24 2.26
C VAL A 178 -7.51 3.19 2.54
N VAL A 179 -7.41 2.05 1.86
CA VAL A 179 -8.41 1.00 1.99
C VAL A 179 -7.80 -0.32 2.49
N ASP A 180 -8.68 -1.31 2.69
CA ASP A 180 -8.30 -2.68 3.02
C ASP A 180 -7.63 -2.83 4.38
N PHE A 181 -8.44 -2.75 5.42
CA PHE A 181 -7.93 -2.87 6.77
C PHE A 181 -8.05 -4.29 7.30
N GLY A 182 -8.28 -5.24 6.39
CA GLY A 182 -8.39 -6.65 6.74
C GLY A 182 -7.19 -7.25 7.45
N SER A 183 -6.03 -6.61 7.34
CA SER A 183 -4.81 -7.14 7.94
C SER A 183 -4.28 -6.26 9.06
N ALA A 184 -4.94 -5.13 9.28
CA ALA A 184 -4.56 -4.20 10.32
C ALA A 184 -4.48 -4.90 11.68
N THR A 185 -3.45 -4.57 12.46
CA THR A 185 -3.11 -5.30 13.67
C THR A 185 -2.79 -4.34 14.79
N TYR A 186 -3.40 -4.57 15.95
CA TYR A 186 -3.11 -3.77 17.15
C TYR A 186 -1.83 -4.24 17.83
N ASP A 187 -1.14 -3.31 18.49
CA ASP A 187 0.09 -3.59 19.24
C ASP A 187 -0.03 -4.77 20.18
N ASP A 188 -1.10 -4.76 20.97
CA ASP A 188 -1.34 -5.78 22.00
CA ASP A 188 -1.32 -5.80 21.99
C ASP A 188 -2.21 -6.92 21.46
N GLU A 189 -1.87 -7.41 20.27
CA GLU A 189 -2.63 -8.47 19.62
C GLU A 189 -1.64 -9.45 18.99
N HIS A 190 -2.11 -10.65 18.66
CA HIS A 190 -1.26 -11.63 17.98
C HIS A 190 -0.82 -11.07 16.64
N HIS A 191 0.50 -11.03 16.44
CA HIS A 191 1.08 -10.61 15.18
C HIS A 191 1.32 -11.83 14.32
N SER A 192 0.85 -11.75 13.08
CA SER A 192 1.10 -12.79 12.08
C SER A 192 2.59 -12.86 11.78
N THR A 193 3.05 -14.05 11.39
CA THR A 193 4.45 -14.25 11.00
C THR A 193 4.72 -13.52 9.71
N LEU A 194 3.89 -13.79 8.70
CA LEU A 194 4.03 -13.20 7.38
C LEU A 194 2.99 -12.12 7.13
N VAL A 195 3.46 -10.94 6.77
CA VAL A 195 2.54 -9.85 6.40
C VAL A 195 3.01 -9.15 5.13
N SER A 196 2.15 -8.29 4.60
CA SER A 196 2.42 -7.46 3.41
C SER A 196 2.42 -8.28 2.14
N THR A 197 2.01 -7.64 1.04
CA THR A 197 2.18 -8.19 -0.28
C THR A 197 3.67 -8.19 -0.54
N ARG A 198 4.14 -9.26 -1.18
CA ARG A 198 5.58 -9.54 -1.36
C ARG A 198 6.44 -8.32 -1.68
N HIS A 199 6.03 -7.56 -2.69
CA HIS A 199 6.84 -6.45 -3.19
C HIS A 199 7.07 -5.31 -2.20
N TYR A 200 6.19 -5.20 -1.21
CA TYR A 200 6.21 -4.08 -0.28
C TYR A 200 6.60 -4.53 1.12
N ARG A 201 7.03 -5.78 1.21
CA ARG A 201 7.38 -6.43 2.47
C ARG A 201 8.73 -5.93 2.99
N ALA A 202 8.78 -5.60 4.27
CA ALA A 202 9.97 -5.12 4.96
C ALA A 202 10.94 -6.27 5.30
N PRO A 203 12.26 -5.97 5.39
CA PRO A 203 13.27 -7.00 5.63
C PRO A 203 13.11 -7.73 6.96
N GLU A 204 12.62 -7.03 7.98
CA GLU A 204 12.38 -7.68 9.27
C GLU A 204 11.27 -8.74 9.21
N VAL A 205 10.36 -8.61 8.23
CA VAL A 205 9.32 -9.60 8.00
C VAL A 205 9.93 -10.79 7.28
N ILE A 206 10.63 -10.53 6.18
CA ILE A 206 11.30 -11.59 5.43
C ILE A 206 12.21 -12.39 6.34
N LEU A 207 12.90 -11.71 7.24
CA LEU A 207 13.82 -12.38 8.14
C LEU A 207 13.16 -12.87 9.42
N ALA A 208 11.85 -12.60 9.55
CA ALA A 208 11.04 -13.06 10.69
C ALA A 208 11.63 -12.66 12.04
N LEU A 209 12.00 -11.38 12.16
CA LEU A 209 12.57 -10.82 13.39
C LEU A 209 11.51 -10.16 14.26
N GLY A 210 10.24 -10.25 13.85
CA GLY A 210 9.19 -9.51 14.52
C GLY A 210 9.04 -8.14 13.89
N TRP A 211 7.80 -7.68 13.79
CA TRP A 211 7.50 -6.42 13.13
C TRP A 211 6.49 -5.62 13.94
N SER A 212 6.39 -4.34 13.64
CA SER A 212 5.34 -3.50 14.19
C SER A 212 5.10 -2.34 13.23
N GLN A 213 4.84 -1.15 13.78
CA GLN A 213 4.60 0.06 13.00
C GLN A 213 5.60 0.32 11.86
N PRO A 214 6.92 0.19 12.12
CA PRO A 214 7.91 0.52 11.08
C PRO A 214 7.79 -0.23 9.74
N CYS A 215 7.27 -1.46 9.77
CA CYS A 215 7.09 -2.21 8.53
C CYS A 215 6.17 -1.50 7.53
N ASP A 216 5.24 -0.69 8.03
CA ASP A 216 4.39 0.19 7.21
C ASP A 216 5.20 1.25 6.47
N VAL A 217 6.17 1.81 7.18
CA VAL A 217 7.04 2.87 6.65
C VAL A 217 7.86 2.33 5.48
N TRP A 218 8.38 1.11 5.64
CA TRP A 218 9.08 0.43 4.55
C TRP A 218 8.19 0.34 3.32
N SER A 219 6.94 -0.06 3.51
CA SER A 219 5.99 -0.22 2.42
C SER A 219 5.73 1.11 1.73
N ILE A 220 5.60 2.17 2.51
CA ILE A 220 5.38 3.52 1.97
C ILE A 220 6.58 3.92 1.09
N GLY A 221 7.79 3.68 1.59
CA GLY A 221 9.01 3.85 0.81
C GLY A 221 8.90 3.18 -0.55
N CYS A 222 8.52 1.91 -0.55
CA CYS A 222 8.38 1.14 -1.78
C CYS A 222 7.35 1.77 -2.70
N ILE A 223 6.26 2.27 -2.12
CA ILE A 223 5.20 2.91 -2.89
C ILE A 223 5.67 4.20 -3.57
N LEU A 224 6.40 5.03 -2.83
CA LEU A 224 6.88 6.33 -3.34
C LEU A 224 7.82 6.20 -4.52
N ILE A 225 8.73 5.23 -4.43
CA ILE A 225 9.62 4.87 -5.53
C ILE A 225 8.82 4.44 -6.76
N GLU A 226 7.79 3.63 -6.53
CA GLU A 226 6.97 3.10 -7.61
C GLU A 226 6.20 4.23 -8.31
N TYR A 227 5.79 5.23 -7.53
CA TYR A 227 5.16 6.43 -8.10
C TYR A 227 6.16 7.15 -8.98
N TYR A 228 7.40 7.25 -8.49
CA TYR A 228 8.48 7.98 -9.17
C TYR A 228 8.91 7.34 -10.49
N LEU A 229 8.91 6.01 -10.53
CA LEU A 229 9.44 5.28 -11.68
C LEU A 229 8.35 4.67 -12.57
N GLY A 230 7.17 4.48 -12.01
CA GLY A 230 6.04 3.89 -12.74
C GLY A 230 6.06 2.37 -12.82
N PHE A 231 6.98 1.74 -12.09
CA PHE A 231 7.06 0.28 -12.02
C PHE A 231 7.52 -0.21 -10.65
N THR A 232 7.14 -1.44 -10.32
CA THR A 232 7.49 -2.08 -9.05
C THR A 232 8.98 -2.34 -8.99
N VAL A 233 9.63 -1.83 -7.96
CA VAL A 233 11.08 -1.96 -7.81
C VAL A 233 11.56 -3.37 -7.43
N PHE A 234 10.81 -4.06 -6.56
CA PHE A 234 11.16 -5.41 -6.15
C PHE A 234 10.29 -6.44 -6.86
N GLN A 235 10.40 -6.51 -8.18
CA GLN A 235 9.63 -7.47 -8.97
C GLN A 235 10.21 -8.90 -8.86
N THR A 236 9.73 -9.65 -7.86
CA THR A 236 10.28 -10.97 -7.55
C THR A 236 9.27 -11.83 -6.80
N HIS A 237 9.41 -13.15 -6.89
CA HIS A 237 8.60 -14.06 -6.07
C HIS A 237 9.47 -14.97 -5.22
N ASP A 238 10.68 -14.52 -4.92
CA ASP A 238 11.64 -15.32 -4.16
C ASP A 238 12.35 -14.44 -3.14
N SER A 239 12.38 -14.91 -1.90
CA SER A 239 12.85 -14.13 -0.76
C SER A 239 14.33 -13.77 -0.80
N LYS A 240 15.16 -14.74 -1.18
CA LYS A 240 16.61 -14.53 -1.27
C LYS A 240 16.90 -13.50 -2.38
N GLU A 241 16.26 -13.70 -3.53
CA GLU A 241 16.30 -12.72 -4.61
C GLU A 241 15.81 -11.35 -4.13
N HIS A 242 14.72 -11.33 -3.35
CA HIS A 242 14.20 -10.09 -2.78
C HIS A 242 15.27 -9.41 -1.92
N LEU A 243 15.90 -10.19 -1.06
CA LEU A 243 16.99 -9.67 -0.23
C LEU A 243 18.16 -9.18 -1.07
N ALA A 244 18.42 -9.85 -2.20
CA ALA A 244 19.49 -9.47 -3.11
C ALA A 244 19.20 -8.12 -3.76
N MET A 245 17.94 -7.93 -4.15
CA MET A 245 17.49 -6.66 -4.73
C MET A 245 17.68 -5.52 -3.74
N MET A 246 17.39 -5.76 -2.47
CA MET A 246 17.60 -4.78 -1.42
C MET A 246 19.07 -4.36 -1.29
N GLU A 247 19.97 -5.34 -1.32
CA GLU A 247 21.40 -5.08 -1.18
C GLU A 247 21.95 -4.26 -2.35
N ARG A 248 21.52 -4.59 -3.56
CA ARG A 248 21.91 -3.87 -4.75
C ARG A 248 21.45 -2.42 -4.73
N ILE A 249 20.25 -2.19 -4.21
CA ILE A 249 19.67 -0.85 -4.15
C ILE A 249 20.12 -0.10 -2.91
N LEU A 250 20.34 -0.82 -1.82
CA LEU A 250 20.49 -0.18 -0.51
C LEU A 250 21.82 -0.42 0.21
N GLY A 251 22.65 -1.32 -0.32
CA GLY A 251 23.87 -1.71 0.38
C GLY A 251 23.64 -2.95 1.22
N PRO A 252 24.69 -3.43 1.91
CA PRO A 252 24.58 -4.70 2.63
C PRO A 252 23.61 -4.65 3.81
N ILE A 253 23.01 -5.81 4.10
CA ILE A 253 22.10 -5.96 5.24
C ILE A 253 22.95 -5.88 6.51
N PRO A 254 22.52 -5.07 7.50
CA PRO A 254 23.28 -4.94 8.73
C PRO A 254 23.53 -6.28 9.40
N GLN A 255 24.74 -6.45 9.93
CA GLN A 255 25.18 -7.72 10.50
C GLN A 255 24.36 -8.15 11.71
N HIS A 256 23.89 -7.19 12.51
CA HIS A 256 23.12 -7.55 13.71
C HIS A 256 21.78 -8.21 13.35
N MET A 257 21.24 -7.86 12.17
CA MET A 257 20.02 -8.48 11.66
C MET A 257 20.28 -9.88 11.09
N ILE A 258 21.41 -10.05 10.41
CA ILE A 258 21.82 -11.35 9.90
C ILE A 258 22.10 -12.33 11.05
N GLN A 259 22.74 -11.85 12.12
CA GLN A 259 22.93 -12.62 13.34
C GLN A 259 21.61 -13.02 14.01
N LYS A 260 20.65 -12.09 14.05
CA LYS A 260 19.38 -12.33 14.73
C LYS A 260 18.49 -13.37 14.04
N THR A 261 18.52 -13.43 12.72
CA THR A 261 17.53 -14.21 11.99
C THR A 261 17.68 -15.72 12.17
N ARG A 262 16.55 -16.41 12.18
CA ARG A 262 16.52 -17.87 12.22
C ARG A 262 16.46 -18.40 10.79
N LYS A 263 16.29 -17.50 9.84
CA LYS A 263 16.19 -17.88 8.43
C LYS A 263 17.59 -18.09 7.87
N ARG A 264 18.16 -19.25 8.19
CA ARG A 264 19.57 -19.52 7.89
C ARG A 264 19.87 -19.79 6.42
N LYS A 265 18.88 -20.33 5.71
CA LYS A 265 19.04 -20.68 4.28
C LYS A 265 19.40 -19.52 3.36
N TYR A 266 19.19 -18.28 3.81
CA TYR A 266 19.49 -17.10 3.00
C TYR A 266 20.96 -16.74 3.03
N PHE A 267 21.67 -17.20 4.06
CA PHE A 267 23.01 -16.70 4.34
C PHE A 267 24.08 -17.77 4.40
N HIS A 268 25.33 -17.33 4.23
CA HIS A 268 26.51 -18.18 4.37
C HIS A 268 27.64 -17.37 4.98
N HIS A 269 28.04 -17.73 6.19
CA HIS A 269 29.04 -17.01 6.97
C HIS A 269 28.63 -15.54 7.16
N ASN A 270 27.39 -15.35 7.61
CA ASN A 270 26.79 -14.02 7.81
C ASN A 270 26.90 -13.07 6.60
N GLN A 271 26.79 -13.63 5.40
CA GLN A 271 26.66 -12.85 4.18
C GLN A 271 25.63 -13.53 3.29
N LEU A 272 24.88 -12.72 2.53
CA LEU A 272 23.80 -13.25 1.70
C LEU A 272 24.33 -14.31 0.72
N ASP A 273 23.65 -15.45 0.67
CA ASP A 273 24.08 -16.56 -0.17
C ASP A 273 23.58 -16.34 -1.59
N TRP A 274 24.14 -15.32 -2.25
CA TRP A 274 23.64 -14.89 -3.55
C TRP A 274 24.75 -14.86 -4.61
N ASP A 275 24.51 -15.55 -5.72
CA ASP A 275 25.42 -15.55 -6.86
C ASP A 275 24.97 -14.50 -7.87
N GLU A 276 25.75 -13.43 -8.00
CA GLU A 276 25.45 -12.33 -8.94
C GLU A 276 25.60 -12.72 -10.42
N HIS A 277 26.34 -13.80 -10.68
CA HIS A 277 26.64 -14.22 -12.03
C HIS A 277 25.80 -15.43 -12.43
N SER A 278 24.54 -15.40 -12.02
CA SER A 278 23.58 -16.44 -12.37
C SER A 278 22.48 -15.80 -13.19
N SER A 279 21.59 -16.63 -13.74
CA SER A 279 20.44 -16.15 -14.48
C SER A 279 19.64 -15.15 -13.64
N ALA A 280 19.37 -15.52 -12.38
CA ALA A 280 18.65 -14.67 -11.44
C ALA A 280 19.48 -13.47 -10.99
N GLY A 281 20.80 -13.67 -10.92
CA GLY A 281 21.74 -12.58 -10.60
C GLY A 281 21.76 -11.51 -11.68
N ARG A 282 21.70 -11.92 -12.93
CA ARG A 282 21.68 -10.98 -14.06
C ARG A 282 20.38 -10.19 -14.06
N TYR A 283 19.27 -10.90 -13.82
CA TYR A 283 17.95 -10.28 -13.69
C TYR A 283 17.90 -9.21 -12.60
N VAL A 284 18.46 -9.52 -11.44
CA VAL A 284 18.50 -8.53 -10.35
C VAL A 284 19.30 -7.31 -10.79
N ARG A 285 20.46 -7.55 -11.41
CA ARG A 285 21.37 -6.47 -11.81
C ARG A 285 20.82 -5.54 -12.89
N ARG A 286 20.10 -6.09 -13.87
CA ARG A 286 19.47 -5.24 -14.90
C ARG A 286 18.17 -4.59 -14.43
N ARG A 287 17.58 -5.10 -13.36
CA ARG A 287 16.37 -4.50 -12.78
C ARG A 287 16.63 -3.52 -11.63
N CYS A 288 17.73 -3.68 -10.92
CA CYS A 288 18.01 -2.84 -9.76
C CYS A 288 19.36 -2.16 -9.87
N LYS A 289 19.55 -1.11 -9.07
CA LYS A 289 20.81 -0.38 -9.00
C LYS A 289 20.80 0.49 -7.73
N PRO A 290 21.98 0.95 -7.27
CA PRO A 290 22.01 1.83 -6.10
C PRO A 290 20.92 2.90 -6.16
N LEU A 291 20.29 3.17 -5.02
CA LEU A 291 19.11 4.04 -4.97
C LEU A 291 19.26 5.34 -5.76
N LYS A 292 20.33 6.09 -5.50
CA LYS A 292 20.52 7.42 -6.11
C LYS A 292 20.55 7.40 -7.64
N GLU A 293 20.95 6.26 -8.21
CA GLU A 293 21.02 6.12 -9.66
C GLU A 293 19.66 6.02 -10.35
N PHE A 294 18.58 5.96 -9.56
CA PHE A 294 17.23 5.91 -10.10
C PHE A 294 16.71 7.31 -10.43
N MET A 295 17.30 8.32 -9.80
CA MET A 295 16.94 9.72 -10.03
C MET A 295 16.93 10.06 -11.51
N LEU A 296 15.72 10.34 -12.01
CA LEU A 296 15.50 10.74 -13.40
C LEU A 296 16.00 12.17 -13.65
N CYS A 297 15.78 13.04 -12.66
CA CYS A 297 16.28 14.41 -12.68
C CYS A 297 17.09 14.66 -11.41
N HIS A 298 18.03 15.59 -11.46
CA HIS A 298 18.91 15.84 -10.32
C HIS A 298 18.65 17.18 -9.61
N ASP A 299 17.36 17.48 -9.42
CA ASP A 299 16.91 18.70 -8.72
CA ASP A 299 16.91 18.70 -8.73
C ASP A 299 17.12 18.62 -7.21
N GLU A 300 16.95 19.74 -6.53
CA GLU A 300 17.02 19.81 -5.06
C GLU A 300 15.91 19.03 -4.37
N GLU A 301 14.71 19.08 -4.96
CA GLU A 301 13.54 18.42 -4.39
C GLU A 301 13.54 16.90 -4.63
N HIS A 302 14.10 16.48 -5.76
CA HIS A 302 14.34 15.06 -6.04
C HIS A 302 15.35 14.47 -5.05
N GLU A 303 16.34 15.28 -4.68
CA GLU A 303 17.33 14.88 -3.68
C GLU A 303 16.69 14.74 -2.32
N LYS A 304 15.74 15.63 -2.02
CA LYS A 304 14.98 15.57 -0.78
C LYS A 304 14.08 14.33 -0.74
N LEU A 305 13.43 14.03 -1.87
CA LEU A 305 12.56 12.86 -2.01
C LEU A 305 13.35 11.58 -1.75
N PHE A 306 14.47 11.46 -2.45
CA PHE A 306 15.37 10.30 -2.34
C PHE A 306 16.04 10.21 -0.97
N ASP A 307 16.11 11.32 -0.25
CA ASP A 307 16.60 11.30 1.12
C ASP A 307 15.53 10.71 2.05
N LEU A 308 14.28 11.12 1.84
CA LEU A 308 13.15 10.62 2.64
C LEU A 308 12.92 9.12 2.40
N VAL A 309 12.92 8.73 1.13
CA VAL A 309 12.77 7.34 0.74
C VAL A 309 13.88 6.47 1.37
N ARG A 310 15.13 6.90 1.25
CA ARG A 310 16.26 6.19 1.84
C ARG A 310 16.02 5.96 3.33
N ARG A 311 15.51 6.98 4.02
CA ARG A 311 15.21 6.88 5.44
C ARG A 311 14.05 5.93 5.74
N MET A 312 13.12 5.82 4.81
CA MET A 312 12.01 4.88 4.93
C MET A 312 12.48 3.47 4.67
N LEU A 313 13.51 3.34 3.84
CA LEU A 313 14.07 2.06 3.45
C LEU A 313 15.32 1.73 4.27
N GLU A 314 15.40 2.30 5.46
CA GLU A 314 16.37 1.90 6.46
C GLU A 314 16.13 0.42 6.85
N TYR A 315 17.17 -0.40 6.73
CA TYR A 315 17.08 -1.82 7.05
C TYR A 315 16.56 -2.09 8.47
N ASP A 316 17.15 -1.40 9.45
CA ASP A 316 16.83 -1.64 10.86
C ASP A 316 15.55 -0.89 11.23
N PRO A 317 14.48 -1.61 11.60
CA PRO A 317 13.21 -0.97 11.93
C PRO A 317 13.28 -0.03 13.13
N THR A 318 14.20 -0.30 14.05
CA THR A 318 14.36 0.53 15.24
C THR A 318 15.03 1.86 14.91
N GLN A 319 15.62 1.95 13.72
CA GLN A 319 16.30 3.15 13.25
C GLN A 319 15.61 3.79 12.06
N ARG A 320 14.60 3.10 11.53
CA ARG A 320 13.83 3.62 10.41
C ARG A 320 13.11 4.89 10.85
N ILE A 321 13.02 5.85 9.94
CA ILE A 321 12.27 7.06 10.20
C ILE A 321 10.82 6.72 10.59
N THR A 322 10.31 7.38 11.63
CA THR A 322 8.90 7.26 12.00
C THR A 322 8.10 8.21 11.12
N LEU A 323 6.78 8.07 11.13
CA LEU A 323 5.93 8.96 10.34
C LEU A 323 5.77 10.34 10.99
N ASP A 324 5.98 10.41 12.30
CA ASP A 324 6.07 11.71 12.98
C ASP A 324 7.20 12.53 12.37
N GLU A 325 8.38 11.91 12.29
CA GLU A 325 9.56 12.52 11.68
C GLU A 325 9.41 12.76 10.18
N ALA A 326 8.81 11.78 9.48
CA ALA A 326 8.59 11.86 8.03
C ALA A 326 7.75 13.07 7.63
N LEU A 327 6.67 13.31 8.38
CA LEU A 327 5.79 14.45 8.10
C LEU A 327 6.50 15.80 8.20
N GLN A 328 7.58 15.86 8.97
CA GLN A 328 8.35 17.10 9.15
C GLN A 328 9.64 17.14 8.32
N HIS A 329 9.71 16.31 7.29
CA HIS A 329 10.89 16.22 6.44
C HIS A 329 10.91 17.37 5.43
N PRO A 330 12.11 17.94 5.17
CA PRO A 330 12.37 18.95 4.15
C PRO A 330 11.65 18.78 2.80
N PHE A 331 11.43 17.53 2.38
CA PHE A 331 10.71 17.25 1.14
C PHE A 331 9.28 17.81 1.16
N PHE A 332 8.71 17.95 2.36
CA PHE A 332 7.36 18.45 2.54
C PHE A 332 7.27 19.95 2.84
N ASP A 333 8.41 20.64 2.80
CA ASP A 333 8.47 22.09 3.05
C ASP A 333 7.64 22.90 2.04
N LEU A 334 7.76 22.58 0.75
CA LEU A 334 7.01 23.27 -0.31
C LEU A 334 5.47 23.17 -0.21
N LEU A 335 4.97 22.47 0.80
CA LEU A 335 3.53 22.35 1.01
C LEU A 335 3.05 23.28 2.11
N LYS A 336 3.97 23.75 2.94
CA LYS A 336 3.66 24.70 4.00
C LYS A 336 4.71 25.81 4.06
#